data_2EA0
#
_entry.id   2EA0
#
_cell.length_a   76.184
_cell.length_b   76.184
_cell.length_c   164.540
_cell.angle_alpha   90.00
_cell.angle_beta   90.00
_cell.angle_gamma   90.00
#
_symmetry.space_group_name_H-M   'P 43 2 2'
#
loop_
_entity.id
_entity.type
_entity.pdbx_description
1 polymer "5'-D(P*GP*GP*CP*TP*TP*CP*AP*TP*CP*CP*TP*G)-3'"
2 polymer "5'-D(P*CP*AP*GP*GP*AP*(PED)P*GP*AP*AP*GP*CP*C)-3'"
3 polymer 'Endonuclease VIII'
4 non-polymer 'SULFATE ION'
5 non-polymer 'ZINC ION'
6 non-polymer GLYCEROL
7 water water
#
loop_
_entity_poly.entity_id
_entity_poly.type
_entity_poly.pdbx_seq_one_letter_code
_entity_poly.pdbx_strand_id
1 'polydeoxyribonucleotide' (DG)(DG)(DC)(DT)(DT)(DC)(DA)(DT)(DC)(DC)(DT)(DG) B
2 'polydeoxyribonucleotide' (DC)(DA)(DG)(DG)(DA)(PED)(DG)(DA)(DA)(DG)(DC)(DC) C
3 'polypeptide(L)'
;PEGPEIRRAADNLEAAIKGKPLTDVWFAFPQLKTYQSQLIGQHVTHVETRGKALLTHFSNDLTLYSHNQLYGVWRVVDTG
EEPQTTRVLRVKLQTADKTILLYSASDIEMLRPEQLTTHPFLQRVGPDVLDPNLTPEVVKERLLSPRFRNRQFAGLLLDQ
AFLAGLGNYLRVEILWQVGLTGNHKAKDLNAAQLDALAHALLEIPRFSYATRGQVDENKHHGALFRFKVFHRDGEPCERC
GSIIEKTTLSSRPFYWCPGCQH
;
A
#
loop_
_chem_comp.id
_chem_comp.type
_chem_comp.name
_chem_comp.formula
DA DNA linking 2'-DEOXYADENOSINE-5'-MONOPHOSPHATE 'C10 H14 N5 O6 P'
DC DNA linking 2'-DEOXYCYTIDINE-5'-MONOPHOSPHATE 'C9 H14 N3 O7 P'
DG DNA linking 2'-DEOXYGUANOSINE-5'-MONOPHOSPHATE 'C10 H14 N5 O7 P'
DT DNA linking THYMIDINE-5'-MONOPHOSPHATE 'C10 H15 N2 O8 P'
GOL non-polymer GLYCEROL 'C3 H8 O3'
PED non-polymer PENTANE-3,4-DIOL-5-PHOSPHATE 'C5 H13 O6 P'
SO4 non-polymer 'SULFATE ION' 'O4 S -2'
ZN non-polymer 'ZINC ION' 'Zn 2'
#
# COMPACT_ATOMS: atom_id res chain seq x y z
P PED B 6 -11.57 -1.45 -5.77
O1P PED B 6 -11.88 -2.75 -5.06
O2P PED B 6 -12.30 -0.18 -5.39
O5' PED B 6 -9.98 -1.15 -5.67
C2' PED B 6 -6.21 -0.84 -6.03
C5' PED B 6 -9.02 -2.23 -5.74
C4' PED B 6 -8.03 -1.93 -4.57
O4' PED B 6 -7.19 -3.11 -4.52
C3' PED B 6 -7.20 -0.65 -4.86
C1' PED B 6 -4.84 -1.42 -5.65
O3' PED B 6 -6.40 -0.36 -3.71
N PRO C 1 -3.53 -1.43 -6.17
CA PRO C 1 -2.23 -1.62 -5.52
C PRO C 1 -2.32 -1.06 -4.10
N GLU C 2 -2.26 -2.04 -3.20
CA GLU C 2 -2.31 -1.75 -1.75
C GLU C 2 -0.93 -1.83 -1.12
N GLY C 3 -0.82 -1.80 0.21
CA GLY C 3 0.53 -1.77 0.82
C GLY C 3 1.43 -2.90 0.34
N PRO C 4 1.01 -4.16 0.26
CA PRO C 4 1.89 -5.24 -0.20
C PRO C 4 2.44 -4.99 -1.59
N GLU C 5 1.63 -4.47 -2.53
CA GLU C 5 2.08 -4.30 -3.92
C GLU C 5 3.05 -3.11 -3.99
N ILE C 6 2.80 -2.10 -3.19
CA ILE C 6 3.69 -0.91 -3.20
C ILE C 6 5.03 -1.28 -2.58
N ARG C 7 5.07 -2.13 -1.55
CA ARG C 7 6.36 -2.55 -0.99
C ARG C 7 7.09 -3.45 -1.98
N ARG C 8 6.37 -4.37 -2.64
CA ARG C 8 7.04 -5.15 -3.68
C ARG C 8 7.61 -4.21 -4.74
N ALA C 9 6.86 -3.19 -5.16
CA ALA C 9 7.38 -2.27 -6.18
C ALA C 9 8.64 -1.58 -5.65
N ALA C 10 8.57 -1.08 -4.42
CA ALA C 10 9.73 -0.38 -3.85
C ALA C 10 10.96 -1.28 -3.75
N ASP C 11 10.76 -2.55 -3.39
CA ASP C 11 11.89 -3.48 -3.38
C ASP C 11 12.54 -3.55 -4.77
N ASN C 12 11.69 -3.58 -5.79
CA ASN C 12 12.22 -3.63 -7.17
C ASN C 12 12.96 -2.38 -7.52
N LEU C 13 12.47 -1.21 -7.06
CA LEU C 13 13.13 0.06 -7.35
C LEU C 13 14.50 0.07 -6.71
N GLU C 14 14.55 -0.46 -5.48
CA GLU C 14 15.86 -0.50 -4.80
C GLU C 14 16.80 -1.42 -5.53
N ALA C 15 16.34 -2.62 -5.90
CA ALA C 15 17.23 -3.57 -6.61
C ALA C 15 17.77 -2.90 -7.85
N ALA C 16 16.94 -2.06 -8.47
CA ALA C 16 17.38 -1.47 -9.72
C ALA C 16 18.37 -0.35 -9.54
N ILE C 17 18.15 0.56 -8.56
CA ILE C 17 18.97 1.78 -8.58
C ILE C 17 19.48 2.21 -7.22
N LYS C 18 19.20 1.52 -6.11
CA LYS C 18 19.80 1.96 -4.86
C LYS C 18 21.32 2.01 -4.92
N GLY C 19 21.84 3.15 -4.43
CA GLY C 19 23.28 3.30 -4.35
C GLY C 19 23.94 3.74 -5.66
N LYS C 20 23.21 3.77 -6.78
CA LYS C 20 23.90 4.03 -8.06
C LYS C 20 23.83 5.49 -8.46
N PRO C 21 24.90 6.14 -8.87
CA PRO C 21 24.82 7.54 -9.28
C PRO C 21 23.79 7.74 -10.40
N LEU C 22 23.00 8.81 -10.28
CA LEU C 22 21.99 9.15 -11.27
C LEU C 22 22.66 9.83 -12.46
N THR C 23 22.44 9.31 -13.66
CA THR C 23 23.00 9.95 -14.85
C THR C 23 21.95 10.80 -15.54
N ASP C 24 20.66 10.57 -15.26
CA ASP C 24 19.66 11.54 -15.74
C ASP C 24 18.47 11.52 -14.79
N VAL C 25 17.80 12.64 -14.65
CA VAL C 25 16.61 12.80 -13.80
C VAL C 25 15.60 13.61 -14.58
N TRP C 26 14.37 13.13 -14.66
CA TRP C 26 13.33 13.85 -15.41
C TRP C 26 12.00 13.82 -14.67
N PHE C 27 11.34 14.98 -14.61
CA PHE C 27 10.00 15.05 -14.04
C PHE C 27 9.05 15.71 -15.05
N ALA C 28 7.83 15.25 -15.19
CA ALA C 28 6.91 15.92 -16.09
C ALA C 28 6.43 17.23 -15.52
N PHE C 29 6.24 17.33 -14.17
CA PHE C 29 5.59 18.51 -13.59
C PHE C 29 6.52 19.74 -13.57
N PRO C 30 6.07 20.89 -14.06
CA PRO C 30 6.89 22.10 -14.12
CA PRO C 30 6.93 22.07 -14.13
C PRO C 30 7.58 22.43 -12.81
C PRO C 30 7.58 22.43 -12.81
N GLN C 31 6.84 22.25 -11.72
CA GLN C 31 7.39 22.66 -10.42
C GLN C 31 8.48 21.70 -9.96
N LEU C 32 8.65 20.57 -10.60
CA LEU C 32 9.70 19.62 -10.14
C LEU C 32 10.90 19.73 -11.06
N LYS C 33 10.79 20.45 -12.16
CA LYS C 33 11.93 20.44 -13.11
C LYS C 33 13.19 21.02 -12.48
N THR C 34 13.05 21.91 -11.52
CA THR C 34 14.21 22.51 -10.88
C THR C 34 15.08 21.47 -10.18
N TYR C 35 14.51 20.33 -9.83
CA TYR C 35 15.33 19.33 -9.12
C TYR C 35 16.14 18.42 -10.04
N GLN C 36 15.92 18.50 -11.35
CA GLN C 36 16.60 17.58 -12.27
C GLN C 36 18.11 17.76 -12.22
N SER C 37 18.64 18.95 -12.44
CA SER C 37 20.10 19.08 -12.41
C SER C 37 20.66 18.79 -11.01
N GLN C 38 19.90 19.21 -9.98
CA GLN C 38 20.31 18.98 -8.59
C GLN C 38 20.51 17.53 -8.23
N LEU C 39 19.77 16.64 -8.87
CA LEU C 39 19.88 15.21 -8.48
C LEU C 39 20.83 14.42 -9.36
N ILE C 40 21.26 14.96 -10.50
CA ILE C 40 22.21 14.20 -11.33
C ILE C 40 23.53 14.09 -10.55
N GLY C 41 24.03 12.87 -10.44
CA GLY C 41 25.25 12.61 -9.70
C GLY C 41 24.97 12.21 -8.24
N GLN C 42 23.76 12.46 -7.72
CA GLN C 42 23.30 11.95 -6.41
C GLN C 42 22.82 10.52 -6.62
N HIS C 43 22.41 9.87 -5.51
CA HIS C 43 21.91 8.51 -5.67
C HIS C 43 20.75 8.30 -4.71
N VAL C 44 19.95 7.30 -5.03
CA VAL C 44 18.90 6.85 -4.10
C VAL C 44 19.56 6.10 -2.95
N THR C 45 19.22 6.49 -1.72
CA THR C 45 19.85 5.81 -0.60
C THR C 45 18.97 4.68 -0.11
N HIS C 46 17.64 4.87 -0.15
CA HIS C 46 16.67 3.85 0.21
C HIS C 46 15.29 4.23 -0.34
N VAL C 47 14.42 3.25 -0.57
CA VAL C 47 13.05 3.54 -0.94
C VAL C 47 12.19 3.04 0.23
N GLU C 48 11.69 4.01 0.96
CA GLU C 48 10.84 3.78 2.12
C GLU C 48 9.41 3.74 1.67
N THR C 49 8.57 2.93 2.34
CA THR C 49 7.12 3.02 2.11
C THR C 49 6.42 3.22 3.45
N ARG C 50 5.33 3.99 3.42
CA ARG C 50 4.45 4.13 4.58
C ARG C 50 3.06 3.87 4.01
N GLY C 51 2.64 2.63 4.16
CA GLY C 51 1.41 2.19 3.45
C GLY C 51 1.66 2.31 1.94
N LYS C 52 0.74 3.06 1.31
CA LYS C 52 0.80 3.20 -0.15
C LYS C 52 1.58 4.43 -0.56
N ALA C 53 2.10 5.22 0.37
CA ALA C 53 3.00 6.32 0.05
C ALA C 53 4.42 5.81 -0.16
N LEU C 54 5.07 6.22 -1.24
CA LEU C 54 6.43 5.71 -1.54
C LEU C 54 7.36 6.91 -1.40
N LEU C 55 8.45 6.73 -0.67
CA LEU C 55 9.39 7.79 -0.34
C LEU C 55 10.77 7.39 -0.88
N THR C 56 11.17 8.03 -2.00
CA THR C 56 12.46 7.77 -2.64
C THR C 56 13.48 8.73 -2.06
N HIS C 57 14.29 8.24 -1.13
CA HIS C 57 15.27 9.12 -0.46
C HIS C 57 16.54 9.27 -1.26
N PHE C 58 17.04 10.51 -1.38
CA PHE C 58 18.26 10.77 -2.12
C PHE C 58 19.40 11.13 -1.16
N SER C 59 20.60 11.05 -1.71
CA SER C 59 21.81 11.29 -0.92
C SER C 59 22.01 12.77 -0.54
N ASN C 60 21.18 13.68 -1.02
CA ASN C 60 21.31 15.13 -0.66
C ASN C 60 20.17 15.54 0.26
N ASP C 61 19.56 14.55 0.90
CA ASP C 61 18.53 14.68 1.94
C ASP C 61 17.18 15.10 1.40
N LEU C 62 17.02 15.20 0.08
CA LEU C 62 15.69 15.32 -0.53
C LEU C 62 15.02 13.97 -0.59
N THR C 63 13.68 13.97 -0.64
CA THR C 63 12.94 12.72 -0.79
C THR C 63 11.81 12.92 -1.77
N LEU C 64 11.73 12.09 -2.80
CA LEU C 64 10.55 12.21 -3.66
C LEU C 64 9.41 11.45 -3.03
N TYR C 65 8.28 12.10 -2.84
CA TYR C 65 7.03 11.50 -2.38
C TYR C 65 6.20 11.14 -3.62
N SER C 66 5.73 9.89 -3.72
CA SER C 66 4.76 9.60 -4.77
C SER C 66 3.69 8.67 -4.22
N HIS C 67 2.47 8.84 -4.70
CA HIS C 67 1.35 7.99 -4.26
C HIS C 67 0.59 7.61 -5.54
N ASN C 68 0.41 6.35 -5.81
CA ASN C 68 -0.13 5.91 -7.07
C ASN C 68 -1.66 6.01 -7.08
N GLN C 69 -2.32 6.20 -5.94
CA GLN C 69 -3.80 6.21 -5.94
C GLN C 69 -4.35 4.95 -6.63
N LEU C 70 -5.30 5.03 -7.54
CA LEU C 70 -5.81 3.84 -8.21
C LEU C 70 -5.05 3.52 -9.49
N TYR C 71 -4.18 4.43 -9.95
CA TYR C 71 -3.70 4.23 -11.33
C TYR C 71 -2.21 4.33 -11.57
N GLY C 72 -1.42 4.83 -10.63
CA GLY C 72 0.01 4.95 -10.90
C GLY C 72 0.71 3.59 -10.91
N VAL C 73 1.78 3.51 -11.71
CA VAL C 73 2.60 2.30 -11.69
C VAL C 73 4.05 2.61 -12.06
N TRP C 74 4.97 1.97 -11.31
CA TRP C 74 6.40 2.02 -11.62
C TRP C 74 6.80 0.89 -12.60
N ARG C 75 7.72 1.17 -13.49
CA ARG C 75 8.36 0.15 -14.34
C ARG C 75 9.88 0.24 -14.22
N VAL C 76 10.54 -0.91 -14.18
CA VAL C 76 11.99 -1.01 -14.24
C VAL C 76 12.41 -1.36 -15.65
N VAL C 77 13.32 -0.60 -16.25
CA VAL C 77 13.77 -0.90 -17.61
C VAL C 77 15.28 -0.86 -17.66
N ASP C 78 15.87 -1.43 -18.69
CA ASP C 78 17.27 -1.15 -18.99
C ASP C 78 17.43 0.30 -19.53
N THR C 79 18.55 0.94 -19.16
CA THR C 79 18.76 2.33 -19.52
C THR C 79 18.68 2.58 -21.02
N GLY C 80 17.91 3.62 -21.39
CA GLY C 80 17.70 3.94 -22.79
C GLY C 80 16.48 3.24 -23.38
N GLU C 81 15.93 2.23 -22.68
CA GLU C 81 14.77 1.53 -23.22
C GLU C 81 13.50 2.15 -22.65
N GLU C 82 12.46 2.07 -23.45
CA GLU C 82 11.15 2.54 -23.03
C GLU C 82 10.15 1.82 -23.92
N PRO C 83 9.65 0.74 -23.36
CA PRO C 83 8.60 0.00 -24.04
C PRO C 83 7.42 0.92 -24.39
N GLN C 84 6.87 0.76 -25.60
CA GLN C 84 5.73 1.59 -25.98
C GLN C 84 4.57 1.36 -25.03
N THR C 85 3.98 2.49 -24.62
CA THR C 85 2.84 2.49 -23.72
C THR C 85 2.00 3.71 -24.05
N THR C 86 0.69 3.70 -23.79
CA THR C 86 -0.02 4.98 -23.88
C THR C 86 -0.14 5.64 -22.52
N ARG C 87 0.40 5.09 -21.45
CA ARG C 87 0.36 5.79 -20.16
C ARG C 87 1.21 7.05 -20.18
N VAL C 88 0.89 8.02 -19.35
CA VAL C 88 1.71 9.24 -19.36
C VAL C 88 2.90 9.09 -18.42
C VAL C 88 2.91 9.09 -18.41
N LEU C 89 4.12 9.34 -18.91
CA LEU C 89 5.32 9.25 -18.10
C LEU C 89 5.41 10.46 -17.16
N ARG C 90 5.68 10.20 -15.87
CA ARG C 90 5.70 11.27 -14.89
C ARG C 90 7.05 11.47 -14.21
N VAL C 91 7.85 10.42 -14.04
CA VAL C 91 9.15 10.52 -13.42
C VAL C 91 10.10 9.54 -14.10
N LYS C 92 11.34 9.93 -14.37
CA LYS C 92 12.40 9.03 -14.78
C LYS C 92 13.63 9.22 -13.85
N LEU C 93 14.11 8.13 -13.24
CA LEU C 93 15.38 8.16 -12.47
C LEU C 93 16.31 7.16 -13.15
N GLN C 94 17.36 7.65 -13.81
CA GLN C 94 18.22 6.84 -14.68
C GLN C 94 19.62 6.69 -14.13
N THR C 95 20.15 5.46 -14.16
CA THR C 95 21.53 5.17 -13.80
C THR C 95 22.23 4.52 -14.98
N ALA C 96 23.50 4.17 -14.84
CA ALA C 96 24.24 3.63 -15.99
C ALA C 96 23.57 2.38 -16.55
N ASP C 97 23.00 1.47 -15.73
CA ASP C 97 22.47 0.24 -16.34
C ASP C 97 20.97 0.15 -16.22
N LYS C 98 20.36 0.63 -15.12
CA LYS C 98 18.92 0.53 -14.96
C LYS C 98 18.25 1.89 -14.84
N THR C 99 16.99 1.96 -15.28
CA THR C 99 16.19 3.17 -15.10
C THR C 99 14.86 2.78 -14.47
N ILE C 100 14.32 3.64 -13.61
CA ILE C 100 12.96 3.45 -13.13
C ILE C 100 12.05 4.57 -13.63
N LEU C 101 10.84 4.16 -14.00
CA LEU C 101 9.86 5.01 -14.64
C LEU C 101 8.57 5.01 -13.85
N LEU C 102 8.05 6.15 -13.43
CA LEU C 102 6.73 6.23 -12.82
C LEU C 102 5.74 6.76 -13.86
N TYR C 103 4.73 5.96 -14.16
CA TYR C 103 3.64 6.33 -15.06
C TYR C 103 2.39 6.70 -14.28
N SER C 104 1.65 7.68 -14.82
CA SER C 104 0.25 7.94 -14.54
C SER C 104 -0.01 8.58 -13.17
N ALA C 105 0.82 8.35 -12.17
CA ALA C 105 0.57 8.95 -10.86
C ALA C 105 0.46 10.47 -10.96
N SER C 106 -0.43 11.08 -10.16
CA SER C 106 -0.65 12.51 -10.17
C SER C 106 -0.20 13.14 -8.86
N ASP C 107 0.03 12.38 -7.80
CA ASP C 107 0.46 12.88 -6.50
C ASP C 107 1.97 12.64 -6.34
N ILE C 108 2.76 13.64 -6.71
CA ILE C 108 4.21 13.54 -6.75
C ILE C 108 4.76 14.88 -6.27
N GLU C 109 5.60 14.83 -5.24
CA GLU C 109 6.19 16.11 -4.77
C GLU C 109 7.56 15.82 -4.19
N MET C 110 8.36 16.87 -4.11
CA MET C 110 9.71 16.74 -3.55
C MET C 110 9.72 17.26 -2.12
N LEU C 111 10.18 16.44 -1.17
CA LEU C 111 10.13 16.82 0.23
C LEU C 111 11.50 17.10 0.82
N ARG C 112 11.52 18.17 1.62
CA ARG C 112 12.65 18.45 2.51
C ARG C 112 12.53 17.58 3.76
N PRO C 113 13.61 17.34 4.50
CA PRO C 113 13.52 16.45 5.68
C PRO C 113 12.41 16.81 6.66
N GLU C 114 12.22 18.11 6.85
CA GLU C 114 11.18 18.52 7.82
C GLU C 114 9.80 18.08 7.40
N GLN C 115 9.63 17.97 6.09
CA GLN C 115 8.31 17.62 5.55
C GLN C 115 7.97 16.16 5.68
N LEU C 116 8.95 15.32 5.99
CA LEU C 116 8.69 13.91 6.20
C LEU C 116 7.80 13.65 7.40
N THR C 117 7.66 14.67 8.27
CA THR C 117 6.73 14.48 9.37
C THR C 117 5.53 15.42 9.24
N THR C 118 5.62 16.49 8.43
CA THR C 118 4.53 17.48 8.41
C THR C 118 3.66 17.38 7.18
N HIS C 119 4.09 16.72 6.09
CA HIS C 119 3.25 16.53 4.91
C HIS C 119 1.88 15.99 5.28
N PRO C 120 0.79 16.47 4.72
CA PRO C 120 -0.52 16.12 5.29
C PRO C 120 -0.82 14.62 5.36
N PHE C 121 -0.40 13.83 4.37
CA PHE C 121 -0.64 12.38 4.44
C PHE C 121 0.30 11.73 5.44
N LEU C 122 1.57 12.12 5.40
CA LEU C 122 2.58 11.50 6.26
C LEU C 122 2.26 11.77 7.72
N GLN C 123 1.70 12.95 7.98
CA GLN C 123 1.40 13.30 9.36
C GLN C 123 0.20 12.47 9.83
N ARG C 124 -0.72 12.06 8.97
CA ARG C 124 -1.97 11.43 9.38
C ARG C 124 -1.85 9.93 9.47
N VAL C 125 -0.92 9.32 8.72
CA VAL C 125 -0.97 7.85 8.66
C VAL C 125 -0.58 7.18 9.97
N GLY C 126 -1.23 6.03 10.16
CA GLY C 126 -0.95 5.16 11.30
C GLY C 126 0.21 4.23 11.05
N PRO C 127 0.43 3.34 12.01
CA PRO C 127 1.47 2.33 11.88
C PRO C 127 1.22 1.47 10.65
N ASP C 128 2.29 1.04 10.00
CA ASP C 128 2.25 0.29 8.76
C ASP C 128 2.14 -1.20 9.04
N VAL C 129 1.17 -1.89 8.41
CA VAL C 129 1.01 -3.33 8.64
C VAL C 129 2.23 -4.15 8.24
N LEU C 130 3.08 -3.64 7.33
CA LEU C 130 4.29 -4.40 6.96
C LEU C 130 5.48 -4.06 7.84
N ASP C 131 5.32 -3.19 8.83
CA ASP C 131 6.46 -2.87 9.71
C ASP C 131 6.68 -4.05 10.65
N PRO C 132 7.81 -4.71 10.59
CA PRO C 132 7.98 -5.91 11.43
C PRO C 132 7.98 -5.56 12.90
N ASN C 133 8.16 -4.29 13.28
CA ASN C 133 8.11 -3.97 14.70
C ASN C 133 6.69 -3.83 15.25
N LEU C 134 5.70 -3.75 14.36
CA LEU C 134 4.31 -3.66 14.76
C LEU C 134 3.83 -5.06 15.08
N THR C 135 3.26 -5.25 16.29
CA THR C 135 2.86 -6.59 16.75
C THR C 135 1.36 -6.75 16.88
N PRO C 136 0.85 -7.96 16.87
CA PRO C 136 -0.60 -8.12 17.11
C PRO C 136 -1.07 -7.50 18.42
N GLU C 137 -0.23 -7.53 19.45
CA GLU C 137 -0.61 -6.93 20.74
C GLU C 137 -0.83 -5.43 20.62
N VAL C 138 0.05 -4.73 19.89
CA VAL C 138 -0.14 -3.29 19.70
C VAL C 138 -1.36 -3.06 18.83
N VAL C 139 -1.62 -3.92 17.84
CA VAL C 139 -2.83 -3.73 17.04
C VAL C 139 -4.06 -3.92 17.89
N LYS C 140 -4.03 -4.91 18.78
CA LYS C 140 -5.17 -5.09 19.69
C LYS C 140 -5.41 -3.85 20.55
N GLU C 141 -4.34 -3.29 21.09
CA GLU C 141 -4.48 -2.07 21.88
C GLU C 141 -5.08 -0.93 21.05
N ARG C 142 -4.65 -0.86 19.78
CA ARG C 142 -5.14 0.21 18.90
C ARG C 142 -6.63 0.02 18.64
N LEU C 143 -7.06 -1.20 18.34
CA LEU C 143 -8.50 -1.47 18.16
C LEU C 143 -9.32 -1.08 19.36
N LEU C 144 -8.80 -1.36 20.58
CA LEU C 144 -9.59 -1.12 21.76
C LEU C 144 -9.40 0.28 22.33
N SER C 145 -8.50 1.06 21.73
CA SER C 145 -8.21 2.42 22.24
C SER C 145 -9.46 3.29 22.09
N PRO C 146 -9.56 4.30 22.92
CA PRO C 146 -10.70 5.24 22.78
C PRO C 146 -10.84 5.78 21.38
N ARG C 147 -9.70 6.05 20.74
CA ARG C 147 -9.82 6.61 19.40
C ARG C 147 -10.53 5.70 18.41
N PHE C 148 -10.35 4.39 18.46
CA PHE C 148 -10.86 3.53 17.38
C PHE C 148 -11.90 2.54 17.84
N ARG C 149 -12.17 2.31 19.13
CA ARG C 149 -13.01 1.16 19.54
C ARG C 149 -14.46 1.30 19.14
N ASN C 150 -14.90 2.51 18.78
CA ASN C 150 -16.29 2.76 18.40
C ASN C 150 -16.43 3.00 16.90
N ARG C 151 -15.41 2.66 16.12
CA ARG C 151 -15.40 2.82 14.68
C ARG C 151 -15.86 1.55 13.96
N GLN C 152 -16.81 1.72 13.05
CA GLN C 152 -17.26 0.58 12.25
C GLN C 152 -16.16 0.07 11.34
N PHE C 153 -15.97 -1.22 11.24
CA PHE C 153 -14.85 -1.78 10.46
C PHE C 153 -14.92 -1.46 8.98
N ALA C 154 -16.13 -1.33 8.42
CA ALA C 154 -16.28 -1.01 7.00
C ALA C 154 -15.37 0.13 6.58
N GLY C 155 -15.45 1.25 7.32
CA GLY C 155 -14.58 2.38 6.96
C GLY C 155 -13.24 2.35 7.69
N LEU C 156 -13.20 1.76 8.89
CA LEU C 156 -11.96 1.75 9.64
C LEU C 156 -10.85 1.08 8.84
N LEU C 157 -11.14 -0.05 8.20
CA LEU C 157 -10.11 -0.85 7.50
C LEU C 157 -9.71 -0.22 6.18
N LEU C 158 -10.33 0.90 5.75
CA LEU C 158 -9.81 1.68 4.63
C LEU C 158 -9.08 2.93 5.11
N ASP C 159 -9.18 3.25 6.43
CA ASP C 159 -8.68 4.54 6.94
C ASP C 159 -7.20 4.46 7.25
N GLN C 160 -6.35 5.15 6.50
CA GLN C 160 -4.91 4.99 6.68
C GLN C 160 -4.45 5.57 8.01
N ALA C 161 -5.28 6.38 8.69
CA ALA C 161 -4.91 6.84 10.05
C ALA C 161 -4.99 5.69 11.06
N PHE C 162 -5.71 4.60 10.74
CA PHE C 162 -5.79 3.44 11.62
C PHE C 162 -4.56 2.57 11.36
N LEU C 163 -4.53 1.85 10.22
CA LEU C 163 -3.37 1.06 9.85
C LEU C 163 -3.03 1.37 8.41
N ALA C 164 -1.80 1.76 8.18
CA ALA C 164 -1.37 2.12 6.83
C ALA C 164 -1.11 0.89 5.99
N GLY C 165 -1.65 0.90 4.77
CA GLY C 165 -1.37 -0.14 3.80
C GLY C 165 -2.57 -1.00 3.47
N LEU C 166 -3.60 -1.01 4.34
CA LEU C 166 -4.85 -1.74 4.04
C LEU C 166 -5.60 -1.00 2.95
N GLY C 167 -6.09 -1.75 1.95
CA GLY C 167 -7.00 -1.17 0.97
C GLY C 167 -8.21 -2.11 0.85
N ASN C 168 -8.93 -1.94 -0.26
CA ASN C 168 -10.20 -2.69 -0.32
C ASN C 168 -10.03 -4.19 -0.42
N TYR C 169 -9.05 -4.72 -1.17
CA TYR C 169 -9.01 -6.21 -1.23
C TYR C 169 -8.64 -6.68 0.17
N LEU C 170 -7.71 -6.01 0.84
CA LEU C 170 -7.30 -6.50 2.17
C LEU C 170 -8.48 -6.39 3.13
N ARG C 171 -9.28 -5.33 3.08
CA ARG C 171 -10.47 -5.21 3.90
C ARG C 171 -11.34 -6.43 3.70
N VAL C 172 -11.66 -6.79 2.46
CA VAL C 172 -12.55 -7.89 2.17
C VAL C 172 -11.97 -9.20 2.68
N GLU C 173 -10.67 -9.41 2.46
CA GLU C 173 -10.03 -10.68 2.79
C GLU C 173 -9.85 -10.83 4.30
N ILE C 174 -9.50 -9.75 4.99
CA ILE C 174 -9.35 -9.87 6.44
C ILE C 174 -10.70 -10.10 7.11
N LEU C 175 -11.77 -9.39 6.65
CA LEU C 175 -13.07 -9.61 7.31
C LEU C 175 -13.53 -11.03 7.04
N TRP C 176 -13.31 -11.58 5.86
CA TRP C 176 -13.75 -12.97 5.62
C TRP C 176 -12.93 -13.89 6.50
N GLN C 177 -11.64 -13.69 6.63
CA GLN C 177 -10.83 -14.64 7.42
C GLN C 177 -11.38 -14.77 8.83
N VAL C 178 -11.79 -13.64 9.41
CA VAL C 178 -12.27 -13.72 10.81
C VAL C 178 -13.79 -13.84 10.90
N GLY C 179 -14.49 -14.06 9.79
CA GLY C 179 -15.95 -14.37 9.86
C GLY C 179 -16.82 -13.16 10.15
N LEU C 180 -16.35 -11.95 9.86
CA LEU C 180 -17.09 -10.74 10.24
C LEU C 180 -17.59 -9.95 9.04
N THR C 181 -18.72 -9.26 9.15
CA THR C 181 -19.07 -8.27 8.15
C THR C 181 -18.50 -6.91 8.57
N GLY C 182 -18.78 -5.87 7.80
CA GLY C 182 -18.15 -4.58 8.10
C GLY C 182 -18.88 -3.81 9.19
N ASN C 183 -20.03 -4.34 9.59
CA ASN C 183 -20.87 -3.58 10.50
C ASN C 183 -20.71 -4.01 11.97
N HIS C 184 -19.46 -3.97 12.40
CA HIS C 184 -19.01 -4.25 13.76
C HIS C 184 -17.99 -3.22 14.22
N LYS C 185 -17.86 -3.09 15.52
CA LYS C 185 -16.92 -2.19 16.20
C LYS C 185 -16.05 -3.04 17.13
N ALA C 186 -14.81 -2.62 17.38
CA ALA C 186 -13.92 -3.47 18.19
C ALA C 186 -14.48 -3.65 19.59
N LYS C 187 -15.13 -2.62 20.14
CA LYS C 187 -15.69 -2.70 21.49
C LYS C 187 -16.68 -3.85 21.64
N ASP C 188 -17.27 -4.35 20.56
CA ASP C 188 -18.31 -5.35 20.71
C ASP C 188 -17.81 -6.77 20.48
N LEU C 189 -16.54 -6.93 20.09
CA LEU C 189 -16.02 -8.29 19.90
C LEU C 189 -15.67 -8.97 21.21
N ASN C 190 -15.76 -10.34 21.18
CA ASN C 190 -15.20 -11.08 22.31
C ASN C 190 -13.68 -11.16 22.19
N ALA C 191 -13.02 -11.60 23.27
CA ALA C 191 -11.55 -11.56 23.24
C ALA C 191 -10.96 -12.46 22.16
N ALA C 192 -11.57 -13.59 21.86
CA ALA C 192 -11.06 -14.50 20.82
C ALA C 192 -11.15 -13.83 19.46
N GLN C 193 -12.29 -13.20 19.15
CA GLN C 193 -12.47 -12.54 17.87
C GLN C 193 -11.53 -11.34 17.72
N LEU C 194 -11.37 -10.56 18.79
CA LEU C 194 -10.46 -9.39 18.73
C LEU C 194 -9.06 -9.86 18.44
N ASP C 195 -8.62 -10.96 19.10
CA ASP C 195 -7.30 -11.49 18.84
C ASP C 195 -7.17 -12.00 17.41
N ALA C 196 -8.18 -12.68 16.90
CA ALA C 196 -8.13 -13.13 15.51
C ALA C 196 -8.00 -11.98 14.56
N LEU C 197 -8.78 -10.91 14.82
CA LEU C 197 -8.76 -9.75 13.93
C LEU C 197 -7.40 -9.09 13.99
N ALA C 198 -6.84 -8.89 15.18
CA ALA C 198 -5.55 -8.21 15.31
C ALA C 198 -4.48 -8.99 14.52
N HIS C 199 -4.49 -10.33 14.62
CA HIS C 199 -3.52 -11.15 13.88
C HIS C 199 -3.69 -11.02 12.38
N ALA C 200 -4.97 -11.09 11.91
CA ALA C 200 -5.26 -11.10 10.49
C ALA C 200 -4.88 -9.76 9.89
N LEU C 201 -5.05 -8.67 10.63
CA LEU C 201 -4.74 -7.31 10.11
C LEU C 201 -3.27 -7.19 9.73
N LEU C 202 -2.43 -8.00 10.35
CA LEU C 202 -1.01 -8.05 10.03
C LEU C 202 -0.66 -9.23 9.12
N GLU C 203 -1.19 -10.43 9.43
CA GLU C 203 -0.72 -11.64 8.74
C GLU C 203 -1.18 -11.70 7.32
N ILE C 204 -2.41 -11.24 7.00
CA ILE C 204 -2.81 -11.35 5.58
C ILE C 204 -2.05 -10.37 4.73
N PRO C 205 -1.87 -9.11 5.08
CA PRO C 205 -1.00 -8.25 4.26
C PRO C 205 0.43 -8.79 4.14
N ARG C 206 0.97 -9.33 5.24
CA ARG C 206 2.35 -9.83 5.17
C ARG C 206 2.48 -11.05 4.26
N PHE C 207 1.43 -11.89 4.25
CA PHE C 207 1.41 -13.08 3.41
C PHE C 207 1.26 -12.67 1.96
N SER C 208 0.42 -11.67 1.68
CA SER C 208 0.34 -11.19 0.28
C SER C 208 1.65 -10.62 -0.18
N TYR C 209 2.29 -9.81 0.67
CA TYR C 209 3.58 -9.22 0.31
C TYR C 209 4.60 -10.31 0.02
N ALA C 210 4.65 -11.37 0.83
CA ALA C 210 5.64 -12.42 0.72
C ALA C 210 5.42 -13.32 -0.49
N THR C 211 4.16 -13.53 -0.89
CA THR C 211 3.92 -14.64 -1.84
C THR C 211 3.03 -14.30 -3.01
N ARG C 212 2.39 -13.12 -3.09
CA ARG C 212 1.52 -12.88 -4.23
C ARG C 212 2.33 -12.76 -5.52
N GLY C 213 3.57 -12.26 -5.44
CA GLY C 213 4.40 -12.24 -6.68
C GLY C 213 4.77 -13.67 -7.04
N GLN C 214 5.01 -14.50 -6.04
CA GLN C 214 5.31 -15.92 -6.20
C GLN C 214 4.09 -16.70 -6.62
N ALA C 223 2.71 -22.84 0.53
CA ALA C 223 1.43 -22.12 0.59
C ALA C 223 1.51 -20.70 0.05
N LEU C 224 0.65 -20.35 -0.91
CA LEU C 224 0.78 -19.02 -1.50
C LEU C 224 -0.52 -18.24 -1.37
N PHE C 225 -0.39 -16.93 -1.29
CA PHE C 225 -1.57 -16.08 -1.16
C PHE C 225 -2.54 -16.32 -2.31
N ARG C 226 -3.83 -16.28 -1.99
CA ARG C 226 -4.90 -16.30 -2.96
C ARG C 226 -6.11 -15.58 -2.38
N PHE C 227 -6.96 -15.01 -3.21
CA PHE C 227 -8.20 -14.40 -2.76
C PHE C 227 -9.21 -15.46 -2.38
N LYS C 228 -9.80 -15.29 -1.20
CA LYS C 228 -10.87 -16.20 -0.79
C LYS C 228 -12.23 -15.67 -1.21
N VAL C 229 -12.41 -14.34 -1.29
CA VAL C 229 -13.74 -13.81 -1.71
C VAL C 229 -13.58 -12.66 -2.69
N PHE C 230 -12.50 -11.89 -2.67
CA PHE C 230 -12.36 -10.76 -3.59
C PHE C 230 -12.48 -11.20 -5.04
N HIS C 231 -13.39 -10.62 -5.78
CA HIS C 231 -13.67 -10.91 -7.20
C HIS C 231 -14.22 -12.32 -7.38
N ARG C 232 -14.74 -12.94 -6.34
CA ARG C 232 -15.26 -14.32 -6.50
C ARG C 232 -16.76 -14.42 -6.34
N ASP C 233 -17.45 -13.28 -6.60
CA ASP C 233 -18.91 -13.38 -6.55
C ASP C 233 -19.39 -14.43 -7.56
N GLY C 234 -20.35 -15.19 -7.05
CA GLY C 234 -21.02 -16.23 -7.80
C GLY C 234 -20.33 -17.57 -7.63
N GLU C 235 -19.18 -17.57 -6.95
CA GLU C 235 -18.44 -18.81 -6.68
C GLU C 235 -18.82 -19.32 -5.31
N PRO C 236 -18.72 -20.61 -5.05
CA PRO C 236 -18.94 -21.12 -3.70
CA PRO C 236 -18.95 -21.12 -3.70
C PRO C 236 -17.75 -20.80 -2.81
C PRO C 236 -17.76 -20.80 -2.81
N CYS C 237 -18.10 -20.33 -1.62
CA CYS C 237 -17.17 -20.07 -0.54
C CYS C 237 -16.41 -21.35 -0.22
N GLU C 238 -15.09 -21.24 -0.08
CA GLU C 238 -14.33 -22.47 0.13
C GLU C 238 -14.46 -22.94 1.58
N ARG C 239 -14.98 -22.12 2.49
CA ARG C 239 -15.23 -22.55 3.87
C ARG C 239 -16.59 -23.19 4.08
N CYS C 240 -17.68 -22.58 3.61
CA CYS C 240 -19.02 -23.07 3.92
C CYS C 240 -19.85 -23.41 2.68
N GLY C 241 -19.37 -23.09 1.48
CA GLY C 241 -20.07 -23.43 0.26
C GLY C 241 -21.17 -22.49 -0.19
N SER C 242 -21.52 -21.47 0.63
CA SER C 242 -22.51 -20.49 0.18
C SER C 242 -21.96 -19.70 -1.00
N ILE C 243 -22.85 -19.07 -1.80
CA ILE C 243 -22.35 -18.31 -2.96
C ILE C 243 -21.99 -16.90 -2.51
N ILE C 244 -20.73 -16.58 -2.83
CA ILE C 244 -20.15 -15.27 -2.51
C ILE C 244 -20.93 -14.20 -3.24
N GLU C 245 -21.21 -13.13 -2.51
CA GLU C 245 -21.91 -11.98 -3.07
C GLU C 245 -21.02 -10.75 -3.27
N LYS C 246 -21.37 -9.91 -4.23
CA LYS C 246 -20.80 -8.60 -4.49
C LYS C 246 -21.85 -7.55 -4.17
N THR C 247 -21.46 -6.58 -3.38
CA THR C 247 -22.35 -5.41 -3.12
C THR C 247 -21.49 -4.17 -3.02
N THR C 248 -21.94 -3.13 -2.37
CA THR C 248 -21.07 -1.97 -2.14
C THR C 248 -21.00 -1.71 -0.65
N LEU C 249 -19.90 -1.21 -0.13
CA LEU C 249 -19.77 -0.83 1.27
C LEU C 249 -18.78 0.29 1.38
N SER C 250 -19.13 1.40 2.01
CA SER C 250 -18.23 2.57 2.07
C SER C 250 -17.95 3.10 0.67
N SER C 251 -18.97 3.04 -0.21
CA SER C 251 -18.81 3.55 -1.58
C SER C 251 -17.71 2.88 -2.38
N ARG C 252 -17.42 1.63 -2.08
CA ARG C 252 -16.47 0.77 -2.78
C ARG C 252 -17.09 -0.62 -2.95
N PRO C 253 -16.66 -1.38 -3.95
CA PRO C 253 -17.11 -2.77 -4.08
C PRO C 253 -16.80 -3.55 -2.81
N PHE C 254 -17.66 -4.54 -2.55
CA PHE C 254 -17.46 -5.35 -1.35
C PHE C 254 -17.85 -6.79 -1.71
N TYR C 255 -17.07 -7.73 -1.30
CA TYR C 255 -17.25 -9.16 -1.54
C TYR C 255 -17.35 -9.85 -0.21
N TRP C 256 -18.33 -10.74 -0.03
CA TRP C 256 -18.45 -11.42 1.25
C TRP C 256 -19.27 -12.68 1.10
N CYS C 257 -19.18 -13.54 2.11
CA CYS C 257 -20.01 -14.74 2.13
C CYS C 257 -21.14 -14.70 3.14
N PRO C 258 -22.39 -14.86 2.68
CA PRO C 258 -23.51 -14.80 3.63
C PRO C 258 -23.61 -16.01 4.54
N GLY C 259 -22.84 -17.07 4.29
CA GLY C 259 -22.97 -18.30 5.09
C GLY C 259 -22.04 -18.25 6.30
N CYS C 260 -20.95 -17.47 6.25
CA CYS C 260 -19.98 -17.57 7.34
C CYS C 260 -19.39 -16.22 7.75
N GLN C 261 -19.94 -15.12 7.23
CA GLN C 261 -19.59 -13.78 7.74
C GLN C 261 -20.81 -13.18 8.42
N HIS C 262 -20.67 -12.70 9.66
CA HIS C 262 -21.76 -12.25 10.49
C HIS C 262 -21.44 -10.92 11.18
S SO4 D . -10.09 6.37 2.24
O1 SO4 D . -10.53 5.40 1.23
O2 SO4 D . -8.63 6.37 2.31
O3 SO4 D . -10.58 7.71 1.85
O4 SO4 D . -10.66 6.06 3.54
ZN ZN E . -18.78 -18.96 3.62
S SO4 F . -6.09 -12.35 24.90
O1 SO4 F . -5.56 -13.08 23.75
O2 SO4 F . -5.32 -12.65 26.12
O3 SO4 F . -6.03 -10.91 24.63
O4 SO4 F . -7.47 -12.76 25.14
S SO4 G . -17.99 0.74 25.36
O1 SO4 G . -17.97 -0.70 25.64
O2 SO4 G . -17.10 1.44 26.29
O3 SO4 G . -17.45 1.01 24.03
O4 SO4 G . -19.37 1.22 25.47
S SO4 H . 7.44 -9.10 -7.87
O1 SO4 H . 7.59 -10.56 -8.01
O2 SO4 H . 6.22 -8.80 -8.63
O3 SO4 H . 8.56 -8.46 -8.54
O4 SO4 H . 7.22 -8.77 -6.48
S SO4 I . -14.94 -12.30 26.24
O1 SO4 I . -16.24 -13.02 26.06
O2 SO4 I . -13.81 -13.12 25.81
O3 SO4 I . -14.96 -11.08 25.43
O4 SO4 I . -14.82 -11.99 27.68
C1 GOL J . -9.42 9.58 14.92
O1 GOL J . -8.65 10.29 15.91
C2 GOL J . -9.44 10.54 13.68
O2 GOL J . -10.64 10.39 12.93
C3 GOL J . -8.22 10.23 12.80
O3 GOL J . -7.75 11.43 12.17
#